data_9DMR
#
_entry.id   9DMR
#
_entity_poly.entity_id   1
_entity_poly.type   'polypeptide(L)'
_entity_poly.pdbx_seq_one_letter_code
;GSHMASTGENVISVAELINAMKQVKHIPESKLTSLAAALAEAKDGKVNIDDLVKVIELVDKED
;
_entity_poly.pdbx_strand_id   A
#
# COMPACT_ATOMS: atom_id res chain seq x y z
N GLY A 1 -5.32 -12.31 -3.41
CA GLY A 1 -5.23 -13.60 -2.75
C GLY A 1 -6.26 -13.73 -1.66
N SER A 2 -6.87 -12.63 -1.33
CA SER A 2 -7.89 -12.59 -0.30
C SER A 2 -9.25 -12.26 -0.89
N HIS A 3 -9.27 -11.99 -2.22
CA HIS A 3 -10.47 -11.55 -2.96
C HIS A 3 -10.93 -10.16 -2.48
N MET A 4 -11.53 -10.12 -1.32
CA MET A 4 -11.98 -8.90 -0.72
C MET A 4 -11.48 -8.87 0.70
N ALA A 5 -10.59 -7.96 1.00
CA ALA A 5 -10.02 -7.87 2.33
C ALA A 5 -10.83 -6.94 3.19
N SER A 6 -11.51 -6.00 2.52
CA SER A 6 -12.40 -5.02 3.16
C SER A 6 -11.64 -4.16 4.17
N THR A 7 -10.38 -3.93 3.87
CA THR A 7 -9.54 -3.14 4.71
C THR A 7 -9.68 -1.65 4.37
N GLY A 8 -10.42 -0.96 5.21
CA GLY A 8 -10.58 0.45 5.06
C GLY A 8 -10.05 1.11 6.29
N GLU A 9 -8.89 1.64 6.20
CA GLU A 9 -8.21 2.17 7.34
C GLU A 9 -8.15 3.68 7.26
N ASN A 10 -7.98 4.33 8.40
CA ASN A 10 -7.82 5.77 8.43
C ASN A 10 -6.50 6.11 7.78
N VAL A 11 -5.43 5.78 8.48
CA VAL A 11 -4.08 5.90 7.98
C VAL A 11 -3.22 4.85 8.68
N ILE A 12 -2.42 4.14 7.93
CA ILE A 12 -1.53 3.16 8.51
C ILE A 12 -0.11 3.45 8.23
N SER A 13 0.72 3.01 9.12
CA SER A 13 2.15 3.20 9.06
C SER A 13 2.71 2.37 7.90
N VAL A 14 3.87 2.76 7.38
CA VAL A 14 4.47 2.13 6.20
C VAL A 14 4.55 0.58 6.31
N ALA A 15 5.14 0.05 7.35
CA ALA A 15 5.30 -1.41 7.46
C ALA A 15 3.96 -2.11 7.60
N GLU A 16 3.12 -1.48 8.39
CA GLU A 16 1.80 -1.97 8.68
C GLU A 16 1.03 -2.10 7.37
N LEU A 17 1.07 -1.04 6.60
CA LEU A 17 0.40 -1.02 5.34
C LEU A 17 1.04 -1.97 4.32
N ILE A 18 2.39 -2.16 4.37
CA ILE A 18 3.05 -3.17 3.49
C ILE A 18 2.41 -4.53 3.65
N ASN A 19 2.28 -4.95 4.89
CA ASN A 19 1.75 -6.29 5.15
C ASN A 19 0.27 -6.33 4.91
N ALA A 20 -0.41 -5.27 5.30
CA ALA A 20 -1.82 -5.16 5.08
C ALA A 20 -2.11 -5.23 3.59
N MET A 21 -1.35 -4.48 2.78
CA MET A 21 -1.51 -4.45 1.30
C MET A 21 -1.22 -5.78 0.71
N LYS A 22 -0.23 -6.45 1.26
CA LYS A 22 0.13 -7.78 0.89
C LYS A 22 -1.05 -8.73 1.05
N GLN A 23 -1.84 -8.47 2.04
CA GLN A 23 -3.04 -9.22 2.29
C GLN A 23 -4.31 -8.57 1.65
N VAL A 24 -4.18 -7.39 1.05
CA VAL A 24 -5.33 -6.66 0.47
C VAL A 24 -5.36 -6.72 -1.05
N LYS A 25 -4.24 -6.53 -1.68
CA LYS A 25 -4.18 -6.49 -3.11
C LYS A 25 -3.28 -7.62 -3.59
N HIS A 26 -3.53 -8.10 -4.79
CA HIS A 26 -2.77 -9.19 -5.43
C HIS A 26 -1.26 -8.90 -5.43
N ILE A 27 -0.46 -9.87 -5.06
CA ILE A 27 1.00 -9.75 -5.07
C ILE A 27 1.65 -10.79 -6.01
N PRO A 28 2.09 -10.35 -7.21
CA PRO A 28 2.85 -11.21 -8.12
C PRO A 28 4.30 -11.35 -7.62
N GLU A 29 5.02 -10.26 -7.69
CA GLU A 29 6.34 -10.13 -7.18
C GLU A 29 6.26 -9.09 -6.10
N SER A 30 7.36 -8.64 -5.60
CA SER A 30 7.34 -7.73 -4.51
C SER A 30 7.07 -6.27 -4.95
N LYS A 31 5.81 -5.95 -4.97
CA LYS A 31 5.27 -4.61 -5.23
C LYS A 31 5.54 -3.73 -4.03
N LEU A 32 5.59 -4.42 -2.91
CA LEU A 32 5.87 -3.89 -1.60
C LEU A 32 7.09 -2.99 -1.59
N THR A 33 8.05 -3.27 -2.45
CA THR A 33 9.29 -2.54 -2.50
C THR A 33 9.03 -1.04 -2.86
N SER A 34 8.26 -0.85 -3.92
CA SER A 34 7.92 0.45 -4.43
C SER A 34 6.98 1.15 -3.50
N LEU A 35 5.93 0.43 -3.08
CA LEU A 35 4.91 1.02 -2.23
C LEU A 35 5.58 1.51 -0.92
N ALA A 36 6.51 0.71 -0.44
CA ALA A 36 7.21 0.98 0.80
C ALA A 36 8.06 2.21 0.67
N ALA A 37 8.85 2.26 -0.38
CA ALA A 37 9.78 3.36 -0.63
C ALA A 37 9.04 4.70 -0.68
N ALA A 38 7.98 4.77 -1.47
CA ALA A 38 7.22 6.00 -1.56
C ALA A 38 6.50 6.33 -0.26
N LEU A 39 6.11 5.30 0.48
CA LEU A 39 5.49 5.52 1.78
C LEU A 39 6.52 6.06 2.78
N ALA A 40 7.75 5.63 2.63
CA ALA A 40 8.82 6.09 3.48
C ALA A 40 9.09 7.56 3.20
N GLU A 41 8.99 7.96 1.94
CA GLU A 41 9.19 9.36 1.57
C GLU A 41 7.87 10.19 1.58
N ALA A 42 6.75 9.51 1.91
CA ALA A 42 5.41 10.17 2.08
C ALA A 42 5.44 11.36 3.05
N LYS A 43 4.30 12.04 3.16
CA LYS A 43 4.19 13.25 3.99
C LYS A 43 4.37 12.97 5.46
N ASP A 44 3.74 11.93 5.95
CA ASP A 44 3.89 11.60 7.38
C ASP A 44 4.59 10.28 7.55
N GLY A 45 4.40 9.41 6.60
CA GLY A 45 4.96 8.09 6.70
C GLY A 45 3.91 7.11 7.14
N LYS A 46 2.77 7.66 7.45
CA LYS A 46 1.60 6.92 7.78
C LYS A 46 0.50 7.52 6.90
N VAL A 47 -0.18 6.71 6.11
CA VAL A 47 -1.24 7.21 5.21
C VAL A 47 -2.22 6.09 5.02
N ASN A 48 -3.42 6.41 4.56
CA ASN A 48 -4.39 5.38 4.23
C ASN A 48 -3.77 4.44 3.22
N ILE A 49 -3.69 3.18 3.60
CA ILE A 49 -3.04 2.15 2.81
C ILE A 49 -3.43 2.13 1.33
N ASP A 50 -4.72 2.07 1.01
CA ASP A 50 -5.10 1.79 -0.38
C ASP A 50 -4.67 2.88 -1.29
N ASP A 51 -4.87 4.10 -0.89
CA ASP A 51 -4.60 5.23 -1.75
C ASP A 51 -3.13 5.25 -2.13
N LEU A 52 -2.29 5.16 -1.12
CA LEU A 52 -0.88 5.25 -1.34
C LEU A 52 -0.29 4.01 -1.92
N VAL A 53 -0.52 2.87 -1.29
CA VAL A 53 0.13 1.64 -1.73
C VAL A 53 -0.22 1.32 -3.15
N LYS A 54 -1.47 1.56 -3.46
CA LYS A 54 -2.00 1.25 -4.71
C LYS A 54 -1.58 2.23 -5.76
N VAL A 55 -1.48 3.50 -5.41
CA VAL A 55 -1.07 4.45 -6.41
C VAL A 55 0.40 4.26 -6.75
N ILE A 56 1.18 3.83 -5.78
CA ILE A 56 2.59 3.63 -6.03
C ILE A 56 2.77 2.37 -6.84
N GLU A 57 2.10 1.33 -6.43
CA GLU A 57 2.20 0.05 -7.07
C GLU A 57 1.57 0.04 -8.46
N LEU A 58 0.60 0.89 -8.66
CA LEU A 58 -0.04 1.00 -9.96
C LEU A 58 0.83 1.86 -10.89
N VAL A 59 1.28 2.98 -10.37
CA VAL A 59 2.01 3.95 -11.17
C VAL A 59 3.48 3.57 -11.43
N ASP A 60 4.13 2.96 -10.44
CA ASP A 60 5.55 2.55 -10.59
C ASP A 60 5.61 1.36 -11.49
N LYS A 61 4.50 0.69 -11.54
CA LYS A 61 4.31 -0.50 -12.32
C LYS A 61 5.17 -1.64 -11.83
N GLU A 62 5.40 -1.69 -10.54
CA GLU A 62 6.05 -2.82 -9.99
C GLU A 62 4.98 -3.84 -9.80
N ASP A 63 4.77 -4.64 -10.83
CA ASP A 63 3.75 -5.68 -10.83
C ASP A 63 3.99 -6.58 -12.01
N GLY A 1 -10.24 -7.50 -11.05
CA GLY A 1 -11.19 -7.04 -12.05
C GLY A 1 -12.37 -6.36 -11.41
N SER A 2 -12.63 -6.75 -10.21
CA SER A 2 -13.69 -6.19 -9.43
C SER A 2 -13.08 -5.55 -8.19
N HIS A 3 -12.94 -4.24 -8.21
CA HIS A 3 -12.37 -3.56 -7.08
C HIS A 3 -13.38 -3.33 -5.98
N MET A 4 -13.37 -4.23 -5.04
CA MET A 4 -14.17 -4.11 -3.85
C MET A 4 -13.23 -3.77 -2.72
N ALA A 5 -12.90 -2.52 -2.62
CA ALA A 5 -11.97 -2.07 -1.63
C ALA A 5 -12.66 -1.90 -0.29
N SER A 6 -12.32 -2.78 0.60
CA SER A 6 -12.82 -2.82 1.94
C SER A 6 -11.76 -3.48 2.81
N THR A 7 -10.80 -2.70 3.18
CA THR A 7 -9.66 -3.20 3.92
C THR A 7 -9.88 -3.08 5.41
N GLY A 8 -10.46 -1.99 5.80
CA GLY A 8 -10.56 -1.66 7.17
C GLY A 8 -9.47 -0.66 7.47
N GLU A 9 -9.64 0.12 8.53
CA GLU A 9 -8.68 1.16 8.93
C GLU A 9 -8.65 2.31 7.88
N ASN A 10 -8.03 3.41 8.22
CA ASN A 10 -7.86 4.49 7.26
C ASN A 10 -6.38 4.65 6.99
N VAL A 11 -5.70 5.38 7.83
CA VAL A 11 -4.31 5.62 7.64
C VAL A 11 -3.48 4.65 8.45
N ILE A 12 -2.58 3.97 7.79
CA ILE A 12 -1.71 3.05 8.44
C ILE A 12 -0.28 3.37 8.20
N SER A 13 0.54 2.90 9.08
CA SER A 13 1.94 3.16 9.08
C SER A 13 2.60 2.34 7.97
N VAL A 14 3.76 2.78 7.47
CA VAL A 14 4.43 2.15 6.32
C VAL A 14 4.54 0.60 6.38
N ALA A 15 5.09 0.04 7.41
CA ALA A 15 5.25 -1.42 7.46
C ALA A 15 3.91 -2.11 7.66
N GLU A 16 3.10 -1.46 8.46
CA GLU A 16 1.80 -1.91 8.82
C GLU A 16 0.93 -2.03 7.55
N LEU A 17 1.04 -1.03 6.70
CA LEU A 17 0.37 -1.02 5.43
C LEU A 17 1.02 -1.95 4.41
N ILE A 18 2.37 -2.13 4.45
CA ILE A 18 3.03 -3.11 3.56
C ILE A 18 2.39 -4.48 3.73
N ASN A 19 2.28 -4.93 4.97
CA ASN A 19 1.71 -6.27 5.22
C ASN A 19 0.24 -6.29 4.93
N ALA A 20 -0.46 -5.22 5.32
CA ALA A 20 -1.87 -5.12 5.05
C ALA A 20 -2.13 -5.19 3.54
N MET A 21 -1.33 -4.46 2.76
CA MET A 21 -1.44 -4.44 1.30
C MET A 21 -1.09 -5.78 0.72
N LYS A 22 -0.08 -6.41 1.29
CA LYS A 22 0.35 -7.75 0.91
C LYS A 22 -0.79 -8.75 1.03
N GLN A 23 -1.62 -8.52 1.99
CA GLN A 23 -2.79 -9.34 2.20
C GLN A 23 -4.01 -8.83 1.41
N VAL A 24 -3.93 -7.60 0.92
CA VAL A 24 -5.05 -6.96 0.21
C VAL A 24 -4.95 -7.08 -1.31
N LYS A 25 -3.83 -6.69 -1.86
CA LYS A 25 -3.70 -6.63 -3.29
C LYS A 25 -2.71 -7.69 -3.76
N HIS A 26 -2.93 -8.21 -4.95
CA HIS A 26 -2.15 -9.33 -5.49
C HIS A 26 -0.65 -9.01 -5.64
N ILE A 27 0.18 -9.90 -5.10
CA ILE A 27 1.62 -9.76 -5.12
C ILE A 27 2.26 -10.87 -6.01
N PRO A 28 2.60 -10.52 -7.26
CA PRO A 28 3.30 -11.44 -8.20
C PRO A 28 4.82 -11.38 -8.00
N GLU A 29 5.28 -10.21 -7.65
CA GLU A 29 6.62 -9.82 -7.43
C GLU A 29 6.54 -8.87 -6.30
N SER A 30 7.63 -8.41 -5.80
CA SER A 30 7.58 -7.54 -4.67
C SER A 30 7.31 -6.09 -5.06
N LYS A 31 6.04 -5.81 -5.24
CA LYS A 31 5.52 -4.48 -5.48
C LYS A 31 5.64 -3.64 -4.22
N LEU A 32 5.63 -4.38 -3.12
CA LEU A 32 5.84 -3.88 -1.78
C LEU A 32 7.04 -2.96 -1.70
N THR A 33 8.04 -3.20 -2.53
CA THR A 33 9.26 -2.43 -2.51
C THR A 33 8.99 -0.97 -2.89
N SER A 34 8.30 -0.78 -4.00
CA SER A 34 7.94 0.53 -4.49
C SER A 34 6.98 1.21 -3.56
N LEU A 35 5.94 0.48 -3.15
CA LEU A 35 4.93 1.06 -2.29
C LEU A 35 5.60 1.52 -0.98
N ALA A 36 6.52 0.70 -0.50
CA ALA A 36 7.22 0.95 0.74
C ALA A 36 8.11 2.16 0.62
N ALA A 37 8.83 2.24 -0.50
CA ALA A 37 9.75 3.33 -0.76
C ALA A 37 9.04 4.67 -0.74
N ALA A 38 7.94 4.76 -1.46
CA ALA A 38 7.19 6.00 -1.48
C ALA A 38 6.53 6.26 -0.13
N LEU A 39 6.14 5.21 0.57
CA LEU A 39 5.56 5.40 1.90
C LEU A 39 6.64 5.85 2.89
N ALA A 40 7.85 5.43 2.65
CA ALA A 40 8.98 5.85 3.46
C ALA A 40 9.24 7.33 3.23
N GLU A 41 9.06 7.79 2.01
CA GLU A 41 9.23 9.21 1.71
C GLU A 41 7.89 10.01 1.83
N ALA A 42 6.80 9.30 2.15
CA ALA A 42 5.47 9.90 2.41
C ALA A 42 5.51 11.00 3.46
N LYS A 43 4.44 11.78 3.53
CA LYS A 43 4.37 12.94 4.41
C LYS A 43 4.48 12.58 5.89
N ASP A 44 3.79 11.56 6.32
CA ASP A 44 3.84 11.18 7.73
C ASP A 44 4.44 9.83 7.98
N GLY A 45 4.60 9.06 6.93
CA GLY A 45 5.05 7.69 7.11
C GLY A 45 3.87 6.79 7.48
N LYS A 46 2.71 7.40 7.53
CA LYS A 46 1.46 6.75 7.78
C LYS A 46 0.46 7.44 6.88
N VAL A 47 -0.23 6.69 6.04
CA VAL A 47 -1.23 7.26 5.11
C VAL A 47 -2.26 6.17 4.85
N ASN A 48 -3.42 6.55 4.34
CA ASN A 48 -4.46 5.56 3.98
C ASN A 48 -3.88 4.55 3.01
N ILE A 49 -3.80 3.30 3.48
CA ILE A 49 -3.12 2.22 2.75
C ILE A 49 -3.44 2.13 1.26
N ASP A 50 -4.71 2.02 0.87
CA ASP A 50 -5.03 1.74 -0.55
C ASP A 50 -4.69 2.89 -1.41
N ASP A 51 -4.86 4.09 -0.90
CA ASP A 51 -4.60 5.27 -1.71
C ASP A 51 -3.14 5.31 -2.10
N LEU A 52 -2.29 5.19 -1.11
CA LEU A 52 -0.87 5.26 -1.35
C LEU A 52 -0.31 4.02 -1.94
N VAL A 53 -0.55 2.89 -1.30
CA VAL A 53 0.10 1.66 -1.74
C VAL A 53 -0.29 1.32 -3.15
N LYS A 54 -1.54 1.54 -3.45
CA LYS A 54 -2.05 1.21 -4.71
C LYS A 54 -1.62 2.17 -5.76
N VAL A 55 -1.58 3.46 -5.43
CA VAL A 55 -1.15 4.39 -6.44
C VAL A 55 0.34 4.19 -6.76
N ILE A 56 1.15 3.88 -5.76
CA ILE A 56 2.57 3.72 -5.98
C ILE A 56 2.82 2.46 -6.75
N GLU A 57 2.22 1.39 -6.31
CA GLU A 57 2.42 0.10 -6.90
C GLU A 57 1.88 0.01 -8.30
N LEU A 58 0.73 0.61 -8.52
CA LEU A 58 0.10 0.57 -9.80
C LEU A 58 0.86 1.43 -10.79
N VAL A 59 1.21 2.60 -10.35
CA VAL A 59 1.82 3.57 -11.23
C VAL A 59 3.33 3.34 -11.41
N ASP A 60 3.99 2.77 -10.42
CA ASP A 60 5.45 2.52 -10.51
C ASP A 60 5.69 1.32 -11.38
N LYS A 61 4.67 0.51 -11.44
CA LYS A 61 4.65 -0.68 -12.23
C LYS A 61 5.76 -1.65 -11.79
N GLU A 62 5.75 -2.02 -10.52
CA GLU A 62 6.74 -2.97 -10.00
C GLU A 62 6.16 -4.40 -10.13
N ASP A 63 5.40 -4.61 -11.17
CA ASP A 63 4.80 -5.92 -11.39
C ASP A 63 5.81 -6.88 -12.00
N GLY A 1 -15.35 -14.64 7.52
CA GLY A 1 -14.13 -13.88 7.44
C GLY A 1 -14.42 -12.41 7.41
N SER A 2 -13.40 -11.59 7.53
CA SER A 2 -13.58 -10.18 7.53
C SER A 2 -13.58 -9.65 6.09
N HIS A 3 -14.74 -9.69 5.48
CA HIS A 3 -14.91 -9.22 4.12
C HIS A 3 -15.28 -7.77 4.15
N MET A 4 -14.37 -6.93 3.80
CA MET A 4 -14.59 -5.52 3.84
C MET A 4 -14.16 -4.87 2.54
N ALA A 5 -15.12 -4.34 1.83
CA ALA A 5 -14.86 -3.59 0.63
C ALA A 5 -14.19 -2.30 1.04
N SER A 6 -12.98 -2.07 0.52
CA SER A 6 -12.08 -0.96 0.89
C SER A 6 -11.67 -1.06 2.37
N THR A 7 -10.43 -1.45 2.60
CA THR A 7 -9.85 -1.61 3.91
C THR A 7 -10.11 -0.37 4.79
N GLY A 8 -11.06 -0.51 5.71
CA GLY A 8 -11.47 0.57 6.57
C GLY A 8 -10.43 0.93 7.57
N GLU A 9 -9.64 1.90 7.23
CA GLU A 9 -8.57 2.38 8.04
C GLU A 9 -8.35 3.84 7.69
N ASN A 10 -8.20 4.69 8.67
CA ASN A 10 -7.96 6.10 8.40
C ASN A 10 -6.61 6.26 7.75
N VAL A 11 -5.57 5.90 8.48
CA VAL A 11 -4.22 5.90 7.97
C VAL A 11 -3.45 4.79 8.66
N ILE A 12 -2.52 4.19 7.97
CA ILE A 12 -1.66 3.22 8.57
C ILE A 12 -0.23 3.52 8.31
N SER A 13 0.60 3.11 9.23
CA SER A 13 2.02 3.27 9.12
C SER A 13 2.57 2.38 8.02
N VAL A 14 3.68 2.82 7.43
CA VAL A 14 4.29 2.15 6.27
C VAL A 14 4.42 0.61 6.41
N ALA A 15 5.03 0.11 7.45
CA ALA A 15 5.23 -1.35 7.56
C ALA A 15 3.90 -2.09 7.69
N GLU A 16 3.04 -1.49 8.50
CA GLU A 16 1.74 -1.99 8.79
C GLU A 16 0.94 -2.10 7.49
N LEU A 17 1.00 -1.04 6.71
CA LEU A 17 0.32 -0.99 5.46
C LEU A 17 0.94 -1.93 4.42
N ILE A 18 2.29 -2.12 4.45
CA ILE A 18 2.94 -3.10 3.56
C ILE A 18 2.30 -4.46 3.73
N ASN A 19 2.20 -4.93 4.98
CA ASN A 19 1.65 -6.28 5.22
C ASN A 19 0.18 -6.33 4.91
N ALA A 20 -0.52 -5.27 5.28
CA ALA A 20 -1.92 -5.16 5.01
C ALA A 20 -2.15 -5.19 3.51
N MET A 21 -1.34 -4.45 2.76
CA MET A 21 -1.43 -4.39 1.30
C MET A 21 -1.12 -5.73 0.70
N LYS A 22 -0.14 -6.38 1.28
CA LYS A 22 0.27 -7.70 0.87
C LYS A 22 -0.89 -8.67 0.94
N GLN A 23 -1.74 -8.48 1.90
CA GLN A 23 -2.91 -9.31 2.05
C GLN A 23 -4.21 -8.68 1.45
N VAL A 24 -4.11 -7.45 0.98
CA VAL A 24 -5.24 -6.73 0.36
C VAL A 24 -5.16 -6.77 -1.16
N LYS A 25 -4.03 -6.43 -1.66
CA LYS A 25 -3.79 -6.37 -3.06
C LYS A 25 -2.97 -7.63 -3.39
N HIS A 26 -3.14 -8.17 -4.56
CA HIS A 26 -2.43 -9.40 -4.89
C HIS A 26 -0.95 -9.12 -5.18
N ILE A 27 -0.09 -9.91 -4.57
CA ILE A 27 1.35 -9.79 -4.76
C ILE A 27 1.87 -10.90 -5.69
N PRO A 28 2.17 -10.56 -6.94
CA PRO A 28 2.80 -11.52 -7.89
C PRO A 28 4.30 -11.66 -7.57
N GLU A 29 4.85 -10.57 -7.12
CA GLU A 29 6.21 -10.39 -6.82
C GLU A 29 6.24 -9.13 -5.99
N SER A 30 7.36 -8.77 -5.47
CA SER A 30 7.47 -7.71 -4.52
C SER A 30 7.18 -6.29 -5.04
N LYS A 31 5.90 -5.95 -5.07
CA LYS A 31 5.38 -4.60 -5.35
C LYS A 31 5.66 -3.69 -4.15
N LEU A 32 5.69 -4.37 -3.02
CA LEU A 32 5.96 -3.79 -1.71
C LEU A 32 7.18 -2.90 -1.73
N THR A 33 8.16 -3.21 -2.56
CA THR A 33 9.39 -2.47 -2.65
C THR A 33 9.12 -0.98 -3.00
N SER A 34 8.33 -0.80 -4.04
CA SER A 34 7.95 0.48 -4.53
C SER A 34 7.00 1.16 -3.60
N LEU A 35 5.97 0.42 -3.17
CA LEU A 35 4.94 0.99 -2.31
C LEU A 35 5.59 1.47 -1.00
N ALA A 36 6.52 0.67 -0.49
CA ALA A 36 7.18 0.96 0.76
C ALA A 36 8.07 2.17 0.64
N ALA A 37 8.86 2.22 -0.44
CA ALA A 37 9.79 3.33 -0.66
C ALA A 37 9.06 4.66 -0.73
N ALA A 38 7.98 4.71 -1.50
CA ALA A 38 7.23 5.94 -1.61
C ALA A 38 6.51 6.28 -0.30
N LEU A 39 6.10 5.24 0.44
CA LEU A 39 5.49 5.47 1.75
C LEU A 39 6.55 6.00 2.73
N ALA A 40 7.77 5.57 2.54
CA ALA A 40 8.87 6.04 3.37
C ALA A 40 9.14 7.51 3.07
N GLU A 41 9.03 7.91 1.81
CA GLU A 41 9.20 9.31 1.45
C GLU A 41 7.88 10.10 1.52
N ALA A 42 6.79 9.41 1.90
CA ALA A 42 5.49 10.07 2.18
C ALA A 42 5.63 11.12 3.28
N LYS A 43 4.55 11.82 3.55
CA LYS A 43 4.61 12.94 4.46
C LYS A 43 4.86 12.51 5.90
N ASP A 44 4.17 11.48 6.36
CA ASP A 44 4.39 11.01 7.74
C ASP A 44 4.93 9.62 7.80
N GLY A 45 4.89 8.93 6.68
CA GLY A 45 5.25 7.54 6.66
C GLY A 45 4.07 6.71 7.15
N LYS A 46 2.94 7.36 7.22
CA LYS A 46 1.70 6.78 7.61
C LYS A 46 0.62 7.48 6.78
N VAL A 47 -0.15 6.72 6.03
CA VAL A 47 -1.21 7.26 5.16
C VAL A 47 -2.26 6.15 5.00
N ASN A 48 -3.47 6.49 4.54
CA ASN A 48 -4.47 5.46 4.21
C ASN A 48 -3.85 4.50 3.22
N ILE A 49 -3.78 3.24 3.63
CA ILE A 49 -3.11 2.20 2.88
C ILE A 49 -3.46 2.16 1.40
N ASP A 50 -4.72 2.10 1.04
CA ASP A 50 -5.04 1.76 -0.34
C ASP A 50 -4.66 2.84 -1.27
N ASP A 51 -4.83 4.06 -0.83
CA ASP A 51 -4.57 5.18 -1.70
C ASP A 51 -3.11 5.23 -2.07
N LEU A 52 -2.29 5.14 -1.06
CA LEU A 52 -0.88 5.25 -1.27
C LEU A 52 -0.30 4.02 -1.85
N VAL A 53 -0.54 2.88 -1.23
CA VAL A 53 0.09 1.66 -1.67
C VAL A 53 -0.30 1.34 -3.07
N LYS A 54 -1.55 1.56 -3.39
CA LYS A 54 -2.06 1.19 -4.64
C LYS A 54 -1.61 2.14 -5.70
N VAL A 55 -1.56 3.44 -5.39
CA VAL A 55 -1.14 4.39 -6.39
C VAL A 55 0.34 4.18 -6.73
N ILE A 56 1.15 3.87 -5.72
CA ILE A 56 2.56 3.70 -5.96
C ILE A 56 2.79 2.44 -6.77
N GLU A 57 2.15 1.39 -6.35
CA GLU A 57 2.28 0.12 -6.99
C GLU A 57 1.74 0.14 -8.42
N LEU A 58 0.67 0.87 -8.61
CA LEU A 58 0.04 0.96 -9.90
C LEU A 58 0.89 1.82 -10.84
N VAL A 59 1.33 2.94 -10.34
CA VAL A 59 2.02 3.92 -11.14
C VAL A 59 3.51 3.59 -11.34
N ASP A 60 4.14 2.98 -10.35
CA ASP A 60 5.58 2.63 -10.45
C ASP A 60 5.73 1.48 -11.40
N LYS A 61 4.64 0.76 -11.54
CA LYS A 61 4.56 -0.41 -12.36
C LYS A 61 5.46 -1.52 -11.85
N GLU A 62 5.27 -1.86 -10.61
CA GLU A 62 5.97 -2.97 -10.06
C GLU A 62 4.99 -4.11 -10.00
N ASP A 63 5.47 -5.30 -10.35
CA ASP A 63 4.67 -6.53 -10.38
C ASP A 63 5.52 -7.67 -10.88
N GLY A 1 -18.99 2.18 -0.31
CA GLY A 1 -17.96 1.19 -0.09
C GLY A 1 -18.53 -0.20 0.11
N SER A 2 -19.31 -0.66 -0.85
CA SER A 2 -19.88 -1.99 -0.75
C SER A 2 -18.80 -3.02 -1.07
N HIS A 3 -17.84 -2.60 -1.85
CA HIS A 3 -16.71 -3.41 -2.20
C HIS A 3 -15.59 -3.07 -1.24
N MET A 4 -15.10 -4.06 -0.54
CA MET A 4 -14.01 -3.86 0.38
C MET A 4 -12.68 -3.80 -0.36
N ALA A 5 -12.34 -2.62 -0.81
CA ALA A 5 -11.07 -2.38 -1.47
C ALA A 5 -10.09 -1.84 -0.45
N SER A 6 -10.63 -1.12 0.50
CA SER A 6 -9.87 -0.59 1.59
C SER A 6 -9.92 -1.57 2.77
N THR A 7 -9.09 -1.35 3.78
CA THR A 7 -9.02 -2.27 4.91
C THR A 7 -10.02 -1.89 6.01
N GLY A 8 -10.38 -0.64 6.03
CA GLY A 8 -11.27 -0.15 7.07
C GLY A 8 -10.51 0.63 8.09
N GLU A 9 -9.23 0.80 7.82
CA GLU A 9 -8.34 1.55 8.68
C GLU A 9 -8.34 2.99 8.20
N ASN A 10 -8.07 3.93 9.09
CA ASN A 10 -8.03 5.34 8.69
C ASN A 10 -6.77 5.57 7.91
N VAL A 11 -5.66 5.49 8.60
CA VAL A 11 -4.34 5.61 8.04
C VAL A 11 -3.46 4.61 8.74
N ILE A 12 -2.56 3.99 8.03
CA ILE A 12 -1.66 3.05 8.63
C ILE A 12 -0.23 3.38 8.34
N SER A 13 0.62 2.97 9.24
CA SER A 13 2.03 3.20 9.14
C SER A 13 2.64 2.38 8.00
N VAL A 14 3.78 2.82 7.47
CA VAL A 14 4.42 2.20 6.31
C VAL A 14 4.52 0.65 6.36
N ALA A 15 5.08 0.09 7.38
CA ALA A 15 5.26 -1.37 7.40
C ALA A 15 3.94 -2.08 7.58
N GLU A 16 3.10 -1.45 8.38
CA GLU A 16 1.81 -1.95 8.71
C GLU A 16 0.99 -2.05 7.43
N LEU A 17 1.05 -1.02 6.63
CA LEU A 17 0.35 -0.98 5.38
C LEU A 17 0.97 -1.93 4.35
N ILE A 18 2.32 -2.12 4.39
CA ILE A 18 2.97 -3.13 3.52
C ILE A 18 2.31 -4.50 3.72
N ASN A 19 2.20 -4.94 4.98
CA ASN A 19 1.60 -6.26 5.27
C ASN A 19 0.12 -6.28 4.94
N ALA A 20 -0.55 -5.20 5.29
CA ALA A 20 -1.94 -5.07 5.03
C ALA A 20 -2.19 -5.17 3.52
N MET A 21 -1.38 -4.47 2.73
CA MET A 21 -1.50 -4.47 1.26
C MET A 21 -1.18 -5.82 0.72
N LYS A 22 -0.21 -6.46 1.32
CA LYS A 22 0.22 -7.79 0.96
C LYS A 22 -0.93 -8.78 1.05
N GLN A 23 -1.72 -8.60 2.05
CA GLN A 23 -2.88 -9.45 2.27
C GLN A 23 -4.12 -8.92 1.53
N VAL A 24 -4.04 -7.70 1.02
CA VAL A 24 -5.17 -7.04 0.36
C VAL A 24 -5.10 -7.13 -1.17
N LYS A 25 -3.97 -6.86 -1.73
CA LYS A 25 -3.82 -6.83 -3.16
C LYS A 25 -2.83 -7.93 -3.55
N HIS A 26 -2.99 -8.50 -4.74
CA HIS A 26 -2.15 -9.60 -5.21
C HIS A 26 -0.69 -9.23 -5.30
N ILE A 27 0.16 -10.12 -4.83
CA ILE A 27 1.59 -9.94 -4.84
C ILE A 27 2.27 -11.04 -5.68
N PRO A 28 2.72 -10.72 -6.89
CA PRO A 28 3.51 -11.66 -7.71
C PRO A 28 4.95 -11.76 -7.15
N GLU A 29 5.66 -10.66 -7.23
CA GLU A 29 6.93 -10.48 -6.64
C GLU A 29 6.79 -9.28 -5.73
N SER A 30 7.86 -8.77 -5.24
CA SER A 30 7.75 -7.71 -4.27
C SER A 30 7.46 -6.33 -4.87
N LYS A 31 6.18 -6.03 -5.00
CA LYS A 31 5.66 -4.69 -5.36
C LYS A 31 5.83 -3.76 -4.16
N LEU A 32 5.82 -4.42 -3.01
CA LEU A 32 6.02 -3.84 -1.70
C LEU A 32 7.22 -2.92 -1.68
N THR A 33 8.21 -3.20 -2.48
CA THR A 33 9.43 -2.43 -2.52
C THR A 33 9.15 -0.97 -2.93
N SER A 34 8.41 -0.80 -4.02
CA SER A 34 8.03 0.49 -4.50
C SER A 34 7.04 1.14 -3.58
N LEU A 35 6.01 0.39 -3.19
CA LEU A 35 4.97 0.95 -2.35
C LEU A 35 5.61 1.44 -1.02
N ALA A 36 6.54 0.65 -0.51
CA ALA A 36 7.20 0.95 0.73
C ALA A 36 8.07 2.18 0.61
N ALA A 37 8.84 2.25 -0.48
CA ALA A 37 9.76 3.35 -0.71
C ALA A 37 9.03 4.68 -0.75
N ALA A 38 7.93 4.72 -1.49
CA ALA A 38 7.15 5.94 -1.56
C ALA A 38 6.48 6.24 -0.23
N LEU A 39 6.12 5.20 0.51
CA LEU A 39 5.54 5.42 1.82
C LEU A 39 6.59 5.96 2.79
N ALA A 40 7.82 5.54 2.62
CA ALA A 40 8.92 6.03 3.42
C ALA A 40 9.15 7.51 3.15
N GLU A 41 9.03 7.92 1.88
CA GLU A 41 9.18 9.33 1.52
C GLU A 41 7.84 10.11 1.59
N ALA A 42 6.75 9.40 1.91
CA ALA A 42 5.40 9.97 2.05
C ALA A 42 5.32 11.14 3.02
N LYS A 43 4.17 11.79 2.97
CA LYS A 43 3.86 12.99 3.73
C LYS A 43 4.00 12.77 5.24
N ASP A 44 3.50 11.65 5.72
CA ASP A 44 3.58 11.36 7.16
C ASP A 44 4.42 10.15 7.46
N GLY A 45 4.45 9.22 6.54
CA GLY A 45 5.07 7.93 6.81
C GLY A 45 4.00 6.96 7.27
N LYS A 46 2.80 7.50 7.43
CA LYS A 46 1.62 6.79 7.79
C LYS A 46 0.53 7.42 6.94
N VAL A 47 -0.19 6.65 6.16
CA VAL A 47 -1.22 7.18 5.26
C VAL A 47 -2.27 6.12 5.06
N ASN A 48 -3.43 6.50 4.55
CA ASN A 48 -4.46 5.56 4.18
C ASN A 48 -3.87 4.57 3.18
N ILE A 49 -3.77 3.32 3.61
CA ILE A 49 -3.10 2.26 2.84
C ILE A 49 -3.45 2.18 1.37
N ASP A 50 -4.72 2.11 1.00
CA ASP A 50 -4.99 1.72 -0.37
C ASP A 50 -4.70 2.82 -1.31
N ASP A 51 -4.86 4.04 -0.84
CA ASP A 51 -4.64 5.19 -1.67
C ASP A 51 -3.18 5.26 -2.08
N LEU A 52 -2.32 5.14 -1.10
CA LEU A 52 -0.91 5.21 -1.32
C LEU A 52 -0.35 3.98 -1.92
N VAL A 53 -0.60 2.82 -1.32
CA VAL A 53 0.01 1.59 -1.80
C VAL A 53 -0.40 1.32 -3.23
N LYS A 54 -1.63 1.70 -3.57
CA LYS A 54 -2.09 1.58 -4.91
C LYS A 54 -1.48 2.54 -5.81
N VAL A 55 -1.47 3.80 -5.47
CA VAL A 55 -0.92 4.77 -6.40
C VAL A 55 0.56 4.46 -6.69
N ILE A 56 1.27 3.98 -5.70
CA ILE A 56 2.67 3.72 -5.91
C ILE A 56 2.87 2.45 -6.71
N GLU A 57 2.21 1.38 -6.32
CA GLU A 57 2.37 0.10 -6.99
C GLU A 57 1.80 0.15 -8.37
N LEU A 58 0.66 0.75 -8.49
CA LEU A 58 -0.06 0.79 -9.73
C LEU A 58 0.64 1.72 -10.70
N VAL A 59 1.08 2.86 -10.22
CA VAL A 59 1.68 3.84 -11.09
C VAL A 59 3.18 3.59 -11.37
N ASP A 60 3.95 3.20 -10.35
CA ASP A 60 5.41 2.98 -10.52
C ASP A 60 5.66 1.69 -11.24
N LYS A 61 4.69 0.84 -11.15
CA LYS A 61 4.70 -0.44 -11.79
C LYS A 61 5.81 -1.38 -11.39
N GLU A 62 5.90 -1.64 -10.13
CA GLU A 62 6.76 -2.68 -9.67
C GLU A 62 5.96 -3.97 -9.85
N ASP A 63 6.60 -5.03 -10.18
CA ASP A 63 5.90 -6.30 -10.37
C ASP A 63 6.60 -7.44 -9.70
N GLY A 1 -19.53 2.30 -3.01
CA GLY A 1 -19.42 2.70 -4.39
C GLY A 1 -17.98 2.89 -4.82
N SER A 2 -17.22 3.56 -4.00
CA SER A 2 -15.84 3.86 -4.31
C SER A 2 -14.90 2.77 -3.81
N HIS A 3 -15.15 2.30 -2.60
CA HIS A 3 -14.35 1.27 -1.97
C HIS A 3 -14.95 -0.07 -2.29
N MET A 4 -14.27 -0.84 -3.12
CA MET A 4 -14.74 -2.17 -3.45
C MET A 4 -14.12 -3.16 -2.49
N ALA A 5 -12.89 -2.87 -2.12
CA ALA A 5 -12.19 -3.61 -1.11
C ALA A 5 -11.91 -2.67 0.04
N SER A 6 -12.78 -2.68 1.02
CA SER A 6 -12.67 -1.81 2.15
C SER A 6 -11.48 -2.24 3.00
N THR A 7 -10.63 -1.31 3.33
CA THR A 7 -9.49 -1.60 4.14
C THR A 7 -9.80 -1.38 5.62
N GLY A 8 -10.74 -0.48 5.90
CA GLY A 8 -11.23 -0.27 7.24
C GLY A 8 -10.24 0.46 8.12
N GLU A 9 -9.38 1.21 7.53
CA GLU A 9 -8.38 1.93 8.24
C GLU A 9 -8.29 3.32 7.67
N ASN A 10 -8.13 4.28 8.54
CA ASN A 10 -8.07 5.66 8.14
C ASN A 10 -6.71 5.96 7.61
N VAL A 11 -5.69 5.61 8.38
CA VAL A 11 -4.30 5.77 7.99
C VAL A 11 -3.45 4.70 8.71
N ILE A 12 -2.66 3.96 7.96
CA ILE A 12 -1.79 3.00 8.58
C ILE A 12 -0.36 3.34 8.36
N SER A 13 0.46 2.93 9.28
CA SER A 13 1.87 3.15 9.22
C SER A 13 2.49 2.35 8.08
N VAL A 14 3.60 2.82 7.53
CA VAL A 14 4.24 2.22 6.35
C VAL A 14 4.41 0.69 6.39
N ALA A 15 5.02 0.14 7.40
CA ALA A 15 5.25 -1.31 7.42
C ALA A 15 3.94 -2.07 7.61
N GLU A 16 3.10 -1.48 8.40
CA GLU A 16 1.80 -2.00 8.73
C GLU A 16 0.99 -2.11 7.44
N LEU A 17 0.98 -1.04 6.67
CA LEU A 17 0.31 -1.02 5.40
C LEU A 17 0.95 -1.92 4.36
N ILE A 18 2.30 -2.10 4.42
CA ILE A 18 2.97 -3.06 3.54
C ILE A 18 2.37 -4.44 3.70
N ASN A 19 2.25 -4.90 4.96
CA ASN A 19 1.73 -6.26 5.19
C ASN A 19 0.26 -6.31 4.89
N ALA A 20 -0.44 -5.27 5.27
CA ALA A 20 -1.85 -5.17 5.03
C ALA A 20 -2.12 -5.25 3.53
N MET A 21 -1.36 -4.50 2.75
CA MET A 21 -1.50 -4.48 1.29
C MET A 21 -1.14 -5.82 0.71
N LYS A 22 -0.11 -6.42 1.27
CA LYS A 22 0.34 -7.73 0.87
C LYS A 22 -0.75 -8.78 1.01
N GLN A 23 -1.55 -8.62 2.01
CA GLN A 23 -2.65 -9.49 2.25
C GLN A 23 -3.94 -9.03 1.49
N VAL A 24 -3.99 -7.76 1.15
CA VAL A 24 -5.14 -7.16 0.46
C VAL A 24 -5.07 -7.30 -1.06
N LYS A 25 -3.98 -6.91 -1.64
CA LYS A 25 -3.87 -6.89 -3.08
C LYS A 25 -2.87 -7.96 -3.53
N HIS A 26 -3.00 -8.41 -4.76
CA HIS A 26 -2.17 -9.51 -5.29
C HIS A 26 -0.69 -9.14 -5.36
N ILE A 27 0.12 -9.97 -4.72
CA ILE A 27 1.55 -9.85 -4.74
C ILE A 27 2.18 -11.01 -5.54
N PRO A 28 2.52 -10.75 -6.81
CA PRO A 28 3.23 -11.74 -7.64
C PRO A 28 4.71 -11.81 -7.25
N GLU A 29 5.29 -10.64 -7.19
CA GLU A 29 6.63 -10.38 -6.81
C GLU A 29 6.50 -9.23 -5.85
N SER A 30 7.56 -8.80 -5.26
CA SER A 30 7.45 -7.80 -4.24
C SER A 30 7.27 -6.37 -4.80
N LYS A 31 6.01 -6.01 -4.96
CA LYS A 31 5.54 -4.65 -5.30
C LYS A 31 5.72 -3.73 -4.09
N LEU A 32 5.69 -4.39 -2.94
CA LEU A 32 5.91 -3.80 -1.65
C LEU A 32 7.13 -2.90 -1.64
N THR A 33 8.11 -3.22 -2.44
CA THR A 33 9.34 -2.48 -2.52
C THR A 33 9.08 -1.00 -2.90
N SER A 34 8.31 -0.85 -3.96
CA SER A 34 7.93 0.43 -4.49
C SER A 34 6.99 1.14 -3.56
N LEU A 35 5.96 0.41 -3.11
CA LEU A 35 4.94 1.02 -2.27
C LEU A 35 5.60 1.49 -0.95
N ALA A 36 6.53 0.70 -0.49
CA ALA A 36 7.23 0.95 0.75
C ALA A 36 8.12 2.17 0.63
N ALA A 37 8.85 2.25 -0.49
CA ALA A 37 9.76 3.35 -0.75
C ALA A 37 9.02 4.68 -0.76
N ALA A 38 7.92 4.73 -1.50
CA ALA A 38 7.14 5.96 -1.56
C ALA A 38 6.47 6.27 -0.23
N LEU A 39 6.10 5.24 0.52
CA LEU A 39 5.51 5.46 1.82
C LEU A 39 6.57 5.96 2.80
N ALA A 40 7.81 5.58 2.57
CA ALA A 40 8.91 6.04 3.38
C ALA A 40 9.17 7.51 3.11
N GLU A 41 9.05 7.92 1.85
CA GLU A 41 9.21 9.33 1.48
C GLU A 41 7.91 10.13 1.67
N ALA A 42 6.80 9.44 2.00
CA ALA A 42 5.51 10.08 2.33
C ALA A 42 5.64 11.19 3.40
N LYS A 43 4.57 11.89 3.63
CA LYS A 43 4.58 13.04 4.50
C LYS A 43 4.53 12.62 5.95
N ASP A 44 3.69 11.66 6.23
CA ASP A 44 3.52 11.23 7.59
C ASP A 44 4.21 9.94 7.89
N GLY A 45 4.37 9.11 6.87
CA GLY A 45 4.92 7.77 7.08
C GLY A 45 3.81 6.82 7.49
N LYS A 46 2.62 7.38 7.56
CA LYS A 46 1.42 6.70 7.86
C LYS A 46 0.35 7.37 7.03
N VAL A 47 -0.34 6.62 6.21
CA VAL A 47 -1.36 7.17 5.31
C VAL A 47 -2.38 6.07 5.06
N ASN A 48 -3.56 6.43 4.56
CA ASN A 48 -4.56 5.43 4.19
C ASN A 48 -3.93 4.48 3.17
N ILE A 49 -3.81 3.21 3.59
CA ILE A 49 -3.11 2.19 2.81
C ILE A 49 -3.47 2.14 1.33
N ASP A 50 -4.74 2.05 1.00
CA ASP A 50 -5.08 1.74 -0.37
C ASP A 50 -4.78 2.86 -1.31
N ASP A 51 -4.92 4.07 -0.85
CA ASP A 51 -4.65 5.23 -1.68
C ASP A 51 -3.18 5.30 -2.05
N LEU A 52 -2.33 5.16 -1.06
CA LEU A 52 -0.91 5.25 -1.29
C LEU A 52 -0.36 4.01 -1.91
N VAL A 53 -0.62 2.86 -1.31
CA VAL A 53 -0.04 1.62 -1.81
C VAL A 53 -0.47 1.38 -3.23
N LYS A 54 -1.70 1.74 -3.55
CA LYS A 54 -2.17 1.58 -4.89
C LYS A 54 -1.59 2.53 -5.84
N VAL A 55 -1.54 3.80 -5.51
CA VAL A 55 -1.00 4.71 -6.47
C VAL A 55 0.48 4.38 -6.77
N ILE A 56 1.20 3.93 -5.77
CA ILE A 56 2.59 3.64 -5.97
C ILE A 56 2.77 2.34 -6.74
N GLU A 57 2.09 1.30 -6.31
CA GLU A 57 2.24 -0.02 -6.89
C GLU A 57 1.64 -0.11 -8.26
N LEU A 58 0.56 0.58 -8.46
CA LEU A 58 -0.13 0.55 -9.72
C LEU A 58 0.60 1.41 -10.72
N VAL A 59 1.10 2.55 -10.27
CA VAL A 59 1.75 3.46 -11.19
C VAL A 59 3.24 3.10 -11.45
N ASP A 60 3.95 2.62 -10.43
CA ASP A 60 5.40 2.32 -10.55
C ASP A 60 5.61 1.10 -11.38
N LYS A 61 4.56 0.29 -11.40
CA LYS A 61 4.50 -0.94 -12.13
C LYS A 61 5.58 -1.91 -11.70
N GLU A 62 5.62 -2.19 -10.44
CA GLU A 62 6.57 -3.14 -9.94
C GLU A 62 6.00 -4.51 -10.16
N ASP A 63 6.83 -5.48 -10.49
CA ASP A 63 6.40 -6.86 -10.75
C ASP A 63 7.61 -7.74 -10.89
N GLY A 1 -13.96 -18.19 2.72
CA GLY A 1 -14.72 -18.63 1.58
C GLY A 1 -15.14 -17.47 0.70
N SER A 2 -15.11 -16.29 1.26
CA SER A 2 -15.48 -15.10 0.55
C SER A 2 -14.24 -14.49 -0.11
N HIS A 3 -13.17 -14.44 0.67
CA HIS A 3 -11.89 -13.85 0.26
C HIS A 3 -12.04 -12.36 -0.02
N MET A 4 -12.23 -11.62 1.05
CA MET A 4 -12.41 -10.18 0.99
C MET A 4 -11.91 -9.53 2.26
N ALA A 5 -10.74 -8.97 2.19
CA ALA A 5 -10.19 -8.25 3.30
C ALA A 5 -10.60 -6.79 3.22
N SER A 6 -11.79 -6.51 3.71
CA SER A 6 -12.31 -5.17 3.72
C SER A 6 -11.44 -4.28 4.59
N THR A 7 -10.92 -3.24 3.99
CA THR A 7 -10.02 -2.37 4.65
C THR A 7 -10.77 -1.13 5.15
N GLY A 8 -10.99 -1.06 6.43
CA GLY A 8 -11.72 0.05 7.01
C GLY A 8 -10.81 0.93 7.82
N GLU A 9 -9.59 1.01 7.39
CA GLU A 9 -8.62 1.78 8.07
C GLU A 9 -8.52 3.15 7.43
N ASN A 10 -8.29 4.16 8.23
CA ASN A 10 -8.13 5.51 7.73
C ASN A 10 -6.75 5.67 7.17
N VAL A 11 -5.77 5.59 8.03
CA VAL A 11 -4.39 5.69 7.65
C VAL A 11 -3.59 4.67 8.42
N ILE A 12 -2.66 4.01 7.77
CA ILE A 12 -1.85 3.04 8.47
C ILE A 12 -0.40 3.39 8.31
N SER A 13 0.39 2.92 9.21
CA SER A 13 1.81 3.10 9.19
C SER A 13 2.45 2.33 8.02
N VAL A 14 3.61 2.77 7.56
CA VAL A 14 4.26 2.20 6.38
C VAL A 14 4.43 0.66 6.39
N ALA A 15 5.05 0.10 7.39
CA ALA A 15 5.30 -1.35 7.39
C ALA A 15 4.00 -2.11 7.59
N GLU A 16 3.16 -1.51 8.39
CA GLU A 16 1.84 -1.97 8.67
C GLU A 16 1.03 -2.11 7.39
N LEU A 17 1.04 -1.06 6.61
CA LEU A 17 0.36 -1.03 5.35
C LEU A 17 1.01 -1.96 4.34
N ILE A 18 2.34 -2.13 4.41
CA ILE A 18 3.03 -3.09 3.52
C ILE A 18 2.45 -4.49 3.67
N ASN A 19 2.37 -4.97 4.92
CA ASN A 19 1.86 -6.32 5.13
C ASN A 19 0.37 -6.38 4.90
N ALA A 20 -0.31 -5.31 5.27
CA ALA A 20 -1.73 -5.20 5.05
C ALA A 20 -2.04 -5.27 3.55
N MET A 21 -1.29 -4.51 2.75
CA MET A 21 -1.46 -4.47 1.29
C MET A 21 -1.16 -5.82 0.70
N LYS A 22 -0.18 -6.48 1.28
CA LYS A 22 0.19 -7.83 0.91
C LYS A 22 -1.00 -8.78 1.05
N GLN A 23 -1.74 -8.58 2.09
CA GLN A 23 -2.92 -9.37 2.34
C GLN A 23 -4.16 -8.83 1.56
N VAL A 24 -4.15 -7.52 1.29
CA VAL A 24 -5.29 -6.80 0.66
C VAL A 24 -5.29 -6.88 -0.88
N LYS A 25 -4.19 -6.56 -1.49
CA LYS A 25 -4.14 -6.49 -2.93
C LYS A 25 -3.26 -7.64 -3.42
N HIS A 26 -3.51 -8.07 -4.64
CA HIS A 26 -2.83 -9.24 -5.19
C HIS A 26 -1.32 -8.99 -5.36
N ILE A 27 -0.52 -9.92 -4.88
CA ILE A 27 0.94 -9.82 -4.94
C ILE A 27 1.53 -10.92 -5.85
N PRO A 28 1.96 -10.54 -7.06
CA PRO A 28 2.63 -11.46 -8.00
C PRO A 28 4.13 -11.61 -7.66
N GLU A 29 4.67 -10.52 -7.13
CA GLU A 29 6.06 -10.31 -6.79
C GLU A 29 6.03 -9.19 -5.78
N SER A 30 7.15 -8.88 -5.20
CA SER A 30 7.17 -7.87 -4.18
C SER A 30 7.08 -6.44 -4.71
N LYS A 31 5.84 -6.03 -4.86
CA LYS A 31 5.41 -4.68 -5.20
C LYS A 31 5.62 -3.75 -4.02
N LEU A 32 5.58 -4.39 -2.87
CA LEU A 32 5.79 -3.80 -1.57
C LEU A 32 7.02 -2.91 -1.54
N THR A 33 8.02 -3.25 -2.31
CA THR A 33 9.27 -2.52 -2.35
C THR A 33 9.05 -1.05 -2.79
N SER A 34 8.34 -0.88 -3.89
CA SER A 34 8.01 0.40 -4.43
C SER A 34 7.04 1.13 -3.55
N LEU A 35 5.97 0.41 -3.15
CA LEU A 35 4.93 1.01 -2.32
C LEU A 35 5.59 1.51 -1.00
N ALA A 36 6.51 0.71 -0.50
CA ALA A 36 7.19 1.01 0.74
C ALA A 36 8.11 2.20 0.58
N ALA A 37 8.78 2.27 -0.57
CA ALA A 37 9.70 3.38 -0.85
C ALA A 37 8.97 4.71 -0.79
N ALA A 38 7.87 4.80 -1.53
CA ALA A 38 7.13 6.03 -1.54
C ALA A 38 6.47 6.30 -0.18
N LEU A 39 6.11 5.25 0.54
CA LEU A 39 5.55 5.44 1.87
C LEU A 39 6.63 5.90 2.86
N ALA A 40 7.86 5.50 2.62
CA ALA A 40 8.96 5.92 3.45
C ALA A 40 9.25 7.39 3.24
N GLU A 41 9.13 7.84 2.00
CA GLU A 41 9.32 9.26 1.68
C GLU A 41 8.01 10.07 1.84
N ALA A 42 6.88 9.37 2.09
CA ALA A 42 5.56 9.99 2.34
C ALA A 42 5.60 11.08 3.41
N LYS A 43 4.53 11.86 3.45
CA LYS A 43 4.42 13.01 4.36
C LYS A 43 4.54 12.60 5.82
N ASP A 44 3.84 11.56 6.19
CA ASP A 44 3.72 11.21 7.60
C ASP A 44 4.33 9.88 7.96
N GLY A 45 4.57 9.06 6.97
CA GLY A 45 5.02 7.70 7.22
C GLY A 45 3.84 6.80 7.58
N LYS A 46 2.68 7.42 7.71
CA LYS A 46 1.44 6.76 7.93
C LYS A 46 0.45 7.44 6.99
N VAL A 47 -0.21 6.69 6.14
CA VAL A 47 -1.17 7.23 5.17
C VAL A 47 -2.20 6.15 4.89
N ASN A 48 -3.32 6.53 4.31
CA ASN A 48 -4.34 5.56 3.89
C ASN A 48 -3.72 4.55 2.97
N ILE A 49 -3.73 3.28 3.42
CA ILE A 49 -3.09 2.20 2.68
C ILE A 49 -3.47 2.14 1.21
N ASP A 50 -4.74 2.10 0.87
CA ASP A 50 -5.09 1.86 -0.52
C ASP A 50 -4.77 3.04 -1.38
N ASP A 51 -4.95 4.24 -0.89
CA ASP A 51 -4.66 5.43 -1.72
C ASP A 51 -3.18 5.42 -2.11
N LEU A 52 -2.33 5.27 -1.11
CA LEU A 52 -0.92 5.32 -1.35
C LEU A 52 -0.36 4.07 -1.95
N VAL A 53 -0.60 2.94 -1.33
CA VAL A 53 0.03 1.70 -1.78
C VAL A 53 -0.40 1.38 -3.18
N LYS A 54 -1.65 1.65 -3.46
CA LYS A 54 -2.21 1.33 -4.71
C LYS A 54 -1.75 2.28 -5.76
N VAL A 55 -1.63 3.57 -5.44
CA VAL A 55 -1.15 4.49 -6.43
C VAL A 55 0.32 4.24 -6.75
N ILE A 56 1.13 3.91 -5.74
CA ILE A 56 2.56 3.73 -5.95
C ILE A 56 2.80 2.48 -6.76
N GLU A 57 2.16 1.41 -6.37
CA GLU A 57 2.32 0.14 -7.02
C GLU A 57 1.79 0.16 -8.44
N LEU A 58 0.66 0.81 -8.63
CA LEU A 58 0.03 0.83 -9.94
C LEU A 58 0.84 1.73 -10.88
N VAL A 59 1.29 2.84 -10.37
CA VAL A 59 1.98 3.83 -11.18
C VAL A 59 3.47 3.53 -11.39
N ASP A 60 4.13 2.97 -10.37
CA ASP A 60 5.58 2.66 -10.47
C ASP A 60 5.76 1.40 -11.27
N LYS A 61 4.69 0.63 -11.30
CA LYS A 61 4.62 -0.62 -11.99
C LYS A 61 5.67 -1.62 -11.55
N GLU A 62 5.70 -1.89 -10.28
CA GLU A 62 6.57 -2.90 -9.79
C GLU A 62 5.82 -4.20 -9.82
N ASP A 63 6.47 -5.25 -10.24
CA ASP A 63 5.88 -6.60 -10.34
C ASP A 63 6.96 -7.56 -10.79
N GLY A 1 -23.55 -0.72 -7.01
CA GLY A 1 -22.84 -1.95 -7.24
C GLY A 1 -21.51 -2.00 -6.51
N SER A 2 -20.78 -0.91 -6.57
CA SER A 2 -19.50 -0.84 -5.92
C SER A 2 -19.61 -0.28 -4.50
N HIS A 3 -19.96 -1.16 -3.59
CA HIS A 3 -20.11 -0.81 -2.19
C HIS A 3 -18.95 -1.33 -1.37
N MET A 4 -18.18 -2.20 -1.96
CA MET A 4 -17.03 -2.77 -1.31
C MET A 4 -15.92 -1.73 -1.23
N ALA A 5 -15.38 -1.52 -0.04
CA ALA A 5 -14.32 -0.55 0.14
C ALA A 5 -12.95 -1.19 -0.09
N SER A 6 -12.98 -2.52 -0.20
CA SER A 6 -11.81 -3.37 -0.48
C SER A 6 -10.86 -3.50 0.73
N THR A 7 -10.72 -2.46 1.49
CA THR A 7 -9.92 -2.48 2.67
C THR A 7 -10.63 -1.70 3.75
N GLY A 8 -10.93 -2.36 4.83
CA GLY A 8 -11.59 -1.73 5.95
C GLY A 8 -10.59 -1.23 6.95
N GLU A 9 -9.73 -0.37 6.47
CA GLU A 9 -8.67 0.20 7.26
C GLU A 9 -8.33 1.52 6.59
N ASN A 10 -8.22 2.58 7.35
CA ASN A 10 -7.98 3.88 6.75
C ASN A 10 -6.51 4.19 6.64
N VAL A 11 -5.97 4.95 7.57
CA VAL A 11 -4.59 5.30 7.47
C VAL A 11 -3.75 4.39 8.33
N ILE A 12 -2.72 3.86 7.75
CA ILE A 12 -1.82 3.00 8.44
C ILE A 12 -0.41 3.38 8.18
N SER A 13 0.42 2.99 9.10
CA SER A 13 1.83 3.25 9.04
C SER A 13 2.47 2.42 7.93
N VAL A 14 3.61 2.88 7.41
CA VAL A 14 4.28 2.27 6.27
C VAL A 14 4.42 0.72 6.36
N ALA A 15 4.97 0.20 7.40
CA ALA A 15 5.19 -1.25 7.48
C ALA A 15 3.87 -1.99 7.65
N GLU A 16 3.00 -1.38 8.42
CA GLU A 16 1.72 -1.90 8.73
C GLU A 16 0.92 -2.04 7.43
N LEU A 17 0.99 -1.01 6.61
CA LEU A 17 0.32 -1.00 5.35
C LEU A 17 0.98 -1.92 4.33
N ILE A 18 2.33 -2.09 4.39
CA ILE A 18 2.99 -3.08 3.53
C ILE A 18 2.37 -4.47 3.73
N ASN A 19 2.27 -4.91 4.98
CA ASN A 19 1.73 -6.26 5.24
C ASN A 19 0.25 -6.32 4.96
N ALA A 20 -0.44 -5.25 5.29
CA ALA A 20 -1.85 -5.15 5.02
C ALA A 20 -2.10 -5.26 3.53
N MET A 21 -1.35 -4.50 2.73
CA MET A 21 -1.46 -4.49 1.26
C MET A 21 -1.09 -5.84 0.71
N LYS A 22 -0.08 -6.43 1.32
CA LYS A 22 0.40 -7.76 0.97
C LYS A 22 -0.72 -8.77 1.04
N GLN A 23 -1.55 -8.60 1.99
CA GLN A 23 -2.69 -9.46 2.13
C GLN A 23 -3.93 -8.95 1.35
N VAL A 24 -3.97 -7.65 1.06
CA VAL A 24 -5.11 -7.02 0.38
C VAL A 24 -5.06 -7.19 -1.14
N LYS A 25 -3.97 -6.82 -1.74
CA LYS A 25 -3.88 -6.80 -3.17
C LYS A 25 -2.91 -7.87 -3.59
N HIS A 26 -3.30 -8.64 -4.60
CA HIS A 26 -2.51 -9.76 -5.12
C HIS A 26 -1.03 -9.40 -5.38
N ILE A 27 -0.15 -10.16 -4.77
CA ILE A 27 1.29 -9.96 -4.84
C ILE A 27 1.95 -11.06 -5.71
N PRO A 28 2.35 -10.72 -6.95
CA PRO A 28 3.03 -11.66 -7.86
C PRO A 28 4.51 -11.78 -7.50
N GLU A 29 5.03 -10.70 -6.96
CA GLU A 29 6.38 -10.52 -6.61
C GLU A 29 6.35 -9.25 -5.76
N SER A 30 7.47 -8.84 -5.24
CA SER A 30 7.48 -7.76 -4.29
C SER A 30 7.23 -6.34 -4.85
N LYS A 31 5.95 -6.01 -4.96
CA LYS A 31 5.43 -4.68 -5.29
C LYS A 31 5.64 -3.74 -4.12
N LEU A 32 5.66 -4.38 -2.96
CA LEU A 32 5.91 -3.79 -1.68
C LEU A 32 7.13 -2.88 -1.72
N THR A 33 8.08 -3.20 -2.55
CA THR A 33 9.32 -2.45 -2.68
C THR A 33 9.03 -0.97 -3.08
N SER A 34 8.25 -0.82 -4.12
CA SER A 34 7.87 0.47 -4.64
C SER A 34 6.97 1.17 -3.65
N LEU A 35 5.95 0.44 -3.19
CA LEU A 35 4.95 1.01 -2.32
C LEU A 35 5.62 1.49 -1.02
N ALA A 36 6.55 0.68 -0.53
CA ALA A 36 7.23 0.95 0.71
C ALA A 36 8.11 2.17 0.58
N ALA A 37 8.87 2.21 -0.53
CA ALA A 37 9.78 3.32 -0.79
C ALA A 37 9.06 4.65 -0.75
N ALA A 38 7.96 4.75 -1.52
CA ALA A 38 7.22 5.99 -1.56
C ALA A 38 6.54 6.30 -0.21
N LEU A 39 6.12 5.27 0.50
CA LEU A 39 5.51 5.48 1.81
C LEU A 39 6.57 5.97 2.80
N ALA A 40 7.78 5.51 2.64
CA ALA A 40 8.87 5.94 3.48
C ALA A 40 9.21 7.40 3.19
N GLU A 41 9.06 7.82 1.95
CA GLU A 41 9.25 9.23 1.62
C GLU A 41 7.96 10.07 1.76
N ALA A 42 6.81 9.41 2.05
CA ALA A 42 5.50 10.08 2.31
C ALA A 42 5.60 11.19 3.36
N LYS A 43 4.53 11.94 3.51
CA LYS A 43 4.52 13.10 4.37
C LYS A 43 4.42 12.71 5.84
N ASP A 44 3.56 11.74 6.13
CA ASP A 44 3.35 11.36 7.53
C ASP A 44 4.07 10.09 7.88
N GLY A 45 4.24 9.23 6.91
CA GLY A 45 4.77 7.90 7.19
C GLY A 45 3.63 6.95 7.51
N LYS A 46 2.45 7.53 7.60
CA LYS A 46 1.22 6.84 7.83
C LYS A 46 0.21 7.50 6.91
N VAL A 47 -0.43 6.74 6.07
CA VAL A 47 -1.38 7.29 5.09
C VAL A 47 -2.40 6.21 4.81
N ASN A 48 -3.54 6.57 4.21
CA ASN A 48 -4.55 5.59 3.82
C ASN A 48 -3.90 4.56 2.94
N ILE A 49 -3.86 3.31 3.45
CA ILE A 49 -3.17 2.22 2.76
C ILE A 49 -3.50 2.11 1.29
N ASP A 50 -4.77 2.04 0.92
CA ASP A 50 -5.07 1.71 -0.45
C ASP A 50 -4.75 2.82 -1.38
N ASP A 51 -4.90 4.05 -0.90
CA ASP A 51 -4.63 5.20 -1.75
C ASP A 51 -3.17 5.26 -2.12
N LEU A 52 -2.34 5.14 -1.11
CA LEU A 52 -0.91 5.21 -1.31
C LEU A 52 -0.35 3.97 -1.90
N VAL A 53 -0.63 2.82 -1.30
CA VAL A 53 -0.03 1.59 -1.79
C VAL A 53 -0.43 1.33 -3.22
N LYS A 54 -1.65 1.71 -3.56
CA LYS A 54 -2.11 1.57 -4.91
C LYS A 54 -1.51 2.52 -5.83
N VAL A 55 -1.46 3.77 -5.48
CA VAL A 55 -0.94 4.72 -6.41
C VAL A 55 0.54 4.42 -6.69
N ILE A 56 1.27 3.97 -5.71
CA ILE A 56 2.66 3.71 -5.92
C ILE A 56 2.85 2.40 -6.69
N GLU A 57 2.18 1.36 -6.25
CA GLU A 57 2.32 0.04 -6.88
C GLU A 57 1.77 0.03 -8.28
N LEU A 58 0.68 0.74 -8.47
CA LEU A 58 0.03 0.76 -9.74
C LEU A 58 0.76 1.69 -10.70
N VAL A 59 1.15 2.84 -10.22
CA VAL A 59 1.76 3.83 -11.08
C VAL A 59 3.27 3.55 -11.36
N ASP A 60 4.00 3.05 -10.36
CA ASP A 60 5.47 2.78 -10.51
C ASP A 60 5.66 1.58 -11.39
N LYS A 61 4.59 0.84 -11.48
CA LYS A 61 4.47 -0.33 -12.28
C LYS A 61 5.35 -1.47 -11.81
N GLU A 62 5.21 -1.82 -10.58
CA GLU A 62 5.91 -2.97 -10.09
C GLU A 62 4.92 -4.10 -10.07
N ASP A 63 5.28 -5.22 -10.68
CA ASP A 63 4.50 -6.47 -10.74
C ASP A 63 5.15 -7.40 -11.75
N GLY A 1 -15.40 -2.60 -2.71
CA GLY A 1 -15.97 -3.43 -1.67
C GLY A 1 -16.09 -4.87 -2.09
N SER A 2 -15.87 -5.12 -3.35
CA SER A 2 -15.96 -6.46 -3.88
C SER A 2 -14.61 -7.14 -3.71
N HIS A 3 -13.58 -6.51 -4.24
CA HIS A 3 -12.23 -7.00 -4.15
C HIS A 3 -11.66 -6.64 -2.78
N MET A 4 -12.13 -5.49 -2.28
CA MET A 4 -11.67 -4.90 -1.05
C MET A 4 -10.26 -4.41 -1.20
N ALA A 5 -10.12 -3.28 -1.83
CA ALA A 5 -8.84 -2.66 -1.98
C ALA A 5 -8.64 -1.74 -0.80
N SER A 6 -9.72 -1.13 -0.36
CA SER A 6 -9.70 -0.31 0.81
C SER A 6 -9.83 -1.20 2.03
N THR A 7 -8.87 -1.13 2.90
CA THR A 7 -8.84 -1.94 4.08
C THR A 7 -9.85 -1.41 5.13
N GLY A 8 -10.10 -0.11 5.09
CA GLY A 8 -11.03 0.49 6.02
C GLY A 8 -10.32 1.26 7.10
N GLU A 9 -9.01 1.16 7.09
CA GLU A 9 -8.18 1.85 8.05
C GLU A 9 -8.16 3.32 7.74
N ASN A 10 -8.10 4.13 8.77
CA ASN A 10 -8.00 5.59 8.63
C ASN A 10 -6.71 5.88 7.88
N VAL A 11 -5.61 5.56 8.53
CA VAL A 11 -4.29 5.63 7.99
C VAL A 11 -3.49 4.53 8.66
N ILE A 12 -2.51 4.01 7.97
CA ILE A 12 -1.63 3.05 8.54
C ILE A 12 -0.20 3.36 8.24
N SER A 13 0.65 2.99 9.15
CA SER A 13 2.06 3.19 9.06
C SER A 13 2.64 2.34 7.93
N VAL A 14 3.77 2.77 7.37
CA VAL A 14 4.40 2.12 6.22
C VAL A 14 4.50 0.57 6.33
N ALA A 15 5.07 0.05 7.37
CA ALA A 15 5.22 -1.40 7.48
C ALA A 15 3.88 -2.10 7.66
N GLU A 16 3.03 -1.44 8.42
CA GLU A 16 1.72 -1.92 8.73
C GLU A 16 0.94 -2.06 7.43
N LEU A 17 1.01 -1.02 6.62
CA LEU A 17 0.36 -1.01 5.35
C LEU A 17 1.01 -1.95 4.34
N ILE A 18 2.35 -2.13 4.40
CA ILE A 18 3.04 -3.12 3.53
C ILE A 18 2.40 -4.49 3.70
N ASN A 19 2.26 -4.93 4.93
CA ASN A 19 1.73 -6.27 5.18
C ASN A 19 0.23 -6.33 4.92
N ALA A 20 -0.45 -5.26 5.28
CA ALA A 20 -1.86 -5.17 5.05
C ALA A 20 -2.14 -5.22 3.56
N MET A 21 -1.36 -4.46 2.78
CA MET A 21 -1.50 -4.42 1.31
C MET A 21 -1.18 -5.76 0.73
N LYS A 22 -0.19 -6.40 1.29
CA LYS A 22 0.23 -7.73 0.88
C LYS A 22 -0.92 -8.71 1.00
N GLN A 23 -1.71 -8.51 2.02
CA GLN A 23 -2.87 -9.32 2.25
C GLN A 23 -4.15 -8.72 1.58
N VAL A 24 -4.06 -7.54 1.03
CA VAL A 24 -5.21 -6.85 0.43
C VAL A 24 -5.19 -6.86 -1.11
N LYS A 25 -4.11 -6.42 -1.68
CA LYS A 25 -4.00 -6.32 -3.09
C LYS A 25 -2.99 -7.37 -3.54
N HIS A 26 -3.39 -8.20 -4.50
CA HIS A 26 -2.64 -9.40 -4.89
C HIS A 26 -1.18 -9.12 -5.24
N ILE A 27 -0.30 -9.89 -4.65
CA ILE A 27 1.13 -9.81 -4.85
C ILE A 27 1.62 -10.90 -5.82
N PRO A 28 1.99 -10.53 -7.04
CA PRO A 28 2.60 -11.45 -8.02
C PRO A 28 4.09 -11.64 -7.73
N GLU A 29 4.71 -10.59 -7.25
CA GLU A 29 6.10 -10.50 -6.91
C GLU A 29 6.20 -9.23 -6.06
N SER A 30 7.37 -8.86 -5.59
CA SER A 30 7.47 -7.80 -4.60
C SER A 30 7.24 -6.34 -5.07
N LYS A 31 5.97 -6.00 -5.15
CA LYS A 31 5.47 -4.64 -5.39
C LYS A 31 5.70 -3.77 -4.16
N LEU A 32 5.70 -4.48 -3.04
CA LEU A 32 5.93 -3.92 -1.71
C LEU A 32 7.12 -3.00 -1.67
N THR A 33 8.10 -3.29 -2.49
CA THR A 33 9.33 -2.53 -2.55
C THR A 33 9.05 -1.05 -2.95
N SER A 34 8.29 -0.89 -4.02
CA SER A 34 7.93 0.39 -4.55
C SER A 34 7.01 1.10 -3.59
N LEU A 35 5.98 0.37 -3.15
CA LEU A 35 4.96 0.96 -2.29
C LEU A 35 5.62 1.44 -0.98
N ALA A 36 6.57 0.64 -0.51
CA ALA A 36 7.27 0.92 0.73
C ALA A 36 8.14 2.15 0.60
N ALA A 37 8.88 2.23 -0.50
CA ALA A 37 9.77 3.35 -0.79
C ALA A 37 9.00 4.67 -0.77
N ALA A 38 7.92 4.71 -1.54
CA ALA A 38 7.13 5.92 -1.60
C ALA A 38 6.44 6.23 -0.28
N LEU A 39 6.09 5.20 0.48
CA LEU A 39 5.50 5.42 1.79
C LEU A 39 6.55 5.98 2.78
N ALA A 40 7.79 5.62 2.59
CA ALA A 40 8.86 6.13 3.43
C ALA A 40 9.08 7.62 3.13
N GLU A 41 9.02 7.97 1.85
CA GLU A 41 9.14 9.39 1.43
C GLU A 41 7.81 10.16 1.57
N ALA A 42 6.71 9.42 1.84
CA ALA A 42 5.35 10.01 2.06
C ALA A 42 5.33 11.10 3.11
N LYS A 43 4.20 11.79 3.16
CA LYS A 43 4.00 12.98 3.99
C LYS A 43 4.19 12.68 5.47
N ASP A 44 3.62 11.59 5.94
CA ASP A 44 3.74 11.26 7.36
C ASP A 44 4.50 9.98 7.62
N GLY A 45 4.52 9.09 6.64
CA GLY A 45 5.11 7.77 6.85
C GLY A 45 4.02 6.80 7.24
N LYS A 46 2.85 7.35 7.38
CA LYS A 46 1.64 6.67 7.69
C LYS A 46 0.55 7.38 6.89
N VAL A 47 -0.18 6.64 6.09
CA VAL A 47 -1.24 7.20 5.25
C VAL A 47 -2.26 6.09 5.05
N ASN A 48 -3.46 6.44 4.61
CA ASN A 48 -4.46 5.44 4.26
C ASN A 48 -3.87 4.52 3.22
N ILE A 49 -3.75 3.25 3.61
CA ILE A 49 -3.06 2.24 2.82
C ILE A 49 -3.43 2.19 1.34
N ASP A 50 -4.71 2.10 0.99
CA ASP A 50 -5.08 1.85 -0.40
C ASP A 50 -4.72 2.98 -1.27
N ASP A 51 -4.93 4.18 -0.80
CA ASP A 51 -4.67 5.36 -1.64
C ASP A 51 -3.20 5.39 -2.06
N LEU A 52 -2.34 5.25 -1.07
CA LEU A 52 -0.91 5.32 -1.31
C LEU A 52 -0.35 4.07 -1.90
N VAL A 53 -0.58 2.93 -1.27
CA VAL A 53 0.06 1.69 -1.73
C VAL A 53 -0.35 1.37 -3.13
N LYS A 54 -1.59 1.66 -3.43
CA LYS A 54 -2.12 1.38 -4.69
C LYS A 54 -1.64 2.34 -5.73
N VAL A 55 -1.55 3.61 -5.40
CA VAL A 55 -1.06 4.52 -6.39
C VAL A 55 0.42 4.27 -6.69
N ILE A 56 1.18 3.90 -5.68
CA ILE A 56 2.61 3.70 -5.88
C ILE A 56 2.83 2.44 -6.68
N GLU A 57 2.17 1.38 -6.27
CA GLU A 57 2.33 0.11 -6.90
C GLU A 57 1.82 0.11 -8.32
N LEU A 58 0.72 0.81 -8.55
CA LEU A 58 0.10 0.83 -9.84
C LEU A 58 0.92 1.71 -10.78
N VAL A 59 1.36 2.84 -10.27
CA VAL A 59 2.03 3.82 -11.08
C VAL A 59 3.54 3.51 -11.27
N ASP A 60 4.17 2.91 -10.26
CA ASP A 60 5.60 2.51 -10.37
C ASP A 60 5.67 1.35 -11.29
N LYS A 61 4.54 0.68 -11.36
CA LYS A 61 4.28 -0.43 -12.21
C LYS A 61 5.13 -1.63 -11.85
N GLU A 62 5.33 -1.85 -10.56
CA GLU A 62 6.16 -2.98 -10.10
C GLU A 62 5.33 -4.26 -10.07
N ASP A 63 4.29 -4.25 -10.82
CA ASP A 63 3.37 -5.36 -10.86
C ASP A 63 3.73 -6.27 -12.03
N GLY A 1 -16.18 -3.10 4.71
CA GLY A 1 -17.20 -3.88 4.05
C GLY A 1 -18.14 -3.00 3.25
N SER A 2 -17.76 -1.77 3.10
CA SER A 2 -18.54 -0.83 2.36
C SER A 2 -17.81 -0.51 1.06
N HIS A 3 -18.44 -0.89 -0.08
CA HIS A 3 -17.90 -0.67 -1.43
C HIS A 3 -16.69 -1.56 -1.69
N MET A 4 -16.04 -1.39 -2.83
CA MET A 4 -14.82 -2.13 -3.13
C MET A 4 -13.66 -1.45 -2.42
N ALA A 5 -13.84 -0.17 -2.15
CA ALA A 5 -12.86 0.67 -1.51
C ALA A 5 -12.96 0.55 0.02
N SER A 6 -13.37 -0.60 0.49
CA SER A 6 -13.56 -0.90 1.90
C SER A 6 -12.21 -1.05 2.64
N THR A 7 -11.15 -0.79 1.95
CA THR A 7 -9.82 -0.89 2.46
C THR A 7 -9.40 0.41 3.16
N GLY A 8 -10.35 1.33 3.33
CA GLY A 8 -10.07 2.62 3.94
C GLY A 8 -9.93 2.51 5.43
N GLU A 9 -8.85 1.93 5.88
CA GLU A 9 -8.55 1.72 7.30
C GLU A 9 -8.02 2.99 7.95
N ASN A 10 -8.65 4.11 7.63
CA ASN A 10 -8.27 5.46 8.08
C ASN A 10 -6.92 5.82 7.51
N VAL A 11 -5.89 5.49 8.25
CA VAL A 11 -4.51 5.64 7.87
C VAL A 11 -3.74 4.57 8.59
N ILE A 12 -2.79 3.96 7.93
CA ILE A 12 -1.92 3.00 8.55
C ILE A 12 -0.50 3.33 8.33
N SER A 13 0.31 2.90 9.23
CA SER A 13 1.73 3.12 9.20
C SER A 13 2.36 2.31 8.07
N VAL A 14 3.48 2.81 7.53
CA VAL A 14 4.16 2.21 6.39
C VAL A 14 4.34 0.68 6.48
N ALA A 15 4.91 0.18 7.54
CA ALA A 15 5.16 -1.26 7.62
C ALA A 15 3.85 -2.05 7.74
N GLU A 16 2.95 -1.49 8.52
CA GLU A 16 1.67 -2.08 8.76
C GLU A 16 0.91 -2.18 7.45
N LEU A 17 0.94 -1.09 6.67
CA LEU A 17 0.28 -1.05 5.41
C LEU A 17 0.95 -1.94 4.37
N ILE A 18 2.30 -2.10 4.45
CA ILE A 18 3.00 -3.06 3.58
C ILE A 18 2.39 -4.45 3.74
N ASN A 19 2.27 -4.90 5.01
CA ASN A 19 1.75 -6.26 5.26
C ASN A 19 0.26 -6.30 4.96
N ALA A 20 -0.41 -5.21 5.25
CA ALA A 20 -1.82 -5.12 5.01
C ALA A 20 -2.12 -5.19 3.52
N MET A 21 -1.32 -4.50 2.72
CA MET A 21 -1.47 -4.47 1.25
C MET A 21 -1.14 -5.83 0.70
N LYS A 22 -0.17 -6.45 1.33
CA LYS A 22 0.26 -7.80 1.03
C LYS A 22 -0.92 -8.75 1.14
N GLN A 23 -1.72 -8.52 2.15
CA GLN A 23 -2.89 -9.33 2.36
C GLN A 23 -4.18 -8.75 1.73
N VAL A 24 -4.09 -7.56 1.17
CA VAL A 24 -5.23 -6.90 0.52
C VAL A 24 -5.21 -7.11 -0.98
N LYS A 25 -4.10 -6.82 -1.58
CA LYS A 25 -3.99 -6.84 -3.00
C LYS A 25 -2.97 -7.93 -3.36
N HIS A 26 -3.18 -8.58 -4.50
CA HIS A 26 -2.35 -9.72 -4.90
C HIS A 26 -0.89 -9.32 -5.05
N ILE A 27 -0.01 -10.12 -4.50
CA ILE A 27 1.42 -9.89 -4.57
C ILE A 27 2.13 -10.99 -5.37
N PRO A 28 2.50 -10.71 -6.63
CA PRO A 28 3.32 -11.61 -7.43
C PRO A 28 4.79 -11.49 -6.99
N GLU A 29 5.43 -10.43 -7.48
CA GLU A 29 6.73 -10.03 -7.05
C GLU A 29 6.49 -9.03 -5.95
N SER A 30 7.51 -8.60 -5.29
CA SER A 30 7.33 -7.69 -4.22
C SER A 30 7.09 -6.23 -4.67
N LYS A 31 5.83 -5.96 -4.97
CA LYS A 31 5.31 -4.62 -5.27
C LYS A 31 5.52 -3.70 -4.06
N LEU A 32 5.55 -4.38 -2.92
CA LEU A 32 5.83 -3.81 -1.63
C LEU A 32 7.06 -2.92 -1.65
N THR A 33 8.02 -3.23 -2.50
CA THR A 33 9.26 -2.47 -2.59
C THR A 33 8.99 -1.00 -3.00
N SER A 34 8.22 -0.84 -4.06
CA SER A 34 7.87 0.44 -4.60
C SER A 34 6.97 1.18 -3.62
N LEU A 35 5.94 0.45 -3.16
CA LEU A 35 4.94 1.03 -2.30
C LEU A 35 5.62 1.51 -1.00
N ALA A 36 6.55 0.69 -0.51
CA ALA A 36 7.23 0.98 0.72
C ALA A 36 8.11 2.21 0.57
N ALA A 37 8.85 2.27 -0.54
CA ALA A 37 9.76 3.37 -0.81
C ALA A 37 9.03 4.72 -0.80
N ALA A 38 7.92 4.79 -1.54
CA ALA A 38 7.19 6.04 -1.58
C ALA A 38 6.50 6.33 -0.24
N LEU A 39 6.09 5.29 0.48
CA LEU A 39 5.50 5.48 1.80
C LEU A 39 6.57 5.97 2.78
N ALA A 40 7.78 5.51 2.57
CA ALA A 40 8.90 5.93 3.38
C ALA A 40 9.16 7.41 3.16
N GLU A 41 9.02 7.87 1.93
CA GLU A 41 9.18 9.30 1.66
C GLU A 41 7.89 10.12 1.86
N ALA A 42 6.76 9.44 2.13
CA ALA A 42 5.45 10.09 2.43
C ALA A 42 5.54 11.20 3.49
N LYS A 43 4.47 11.96 3.61
CA LYS A 43 4.41 13.14 4.46
C LYS A 43 4.52 12.77 5.94
N ASP A 44 3.83 11.73 6.36
CA ASP A 44 3.88 11.31 7.76
C ASP A 44 4.52 9.95 7.95
N GLY A 45 4.37 9.11 6.96
CA GLY A 45 4.85 7.74 7.08
C GLY A 45 3.70 6.82 7.45
N LYS A 46 2.56 7.42 7.69
CA LYS A 46 1.34 6.73 7.93
C LYS A 46 0.27 7.40 7.08
N VAL A 47 -0.41 6.64 6.24
CA VAL A 47 -1.44 7.16 5.33
C VAL A 47 -2.42 6.03 5.07
N ASN A 48 -3.61 6.34 4.55
CA ASN A 48 -4.56 5.28 4.16
C ASN A 48 -3.87 4.37 3.17
N ILE A 49 -3.80 3.11 3.54
CA ILE A 49 -3.10 2.10 2.77
C ILE A 49 -3.44 2.09 1.28
N ASP A 50 -4.71 2.04 0.94
CA ASP A 50 -5.03 1.78 -0.45
C ASP A 50 -4.67 2.90 -1.35
N ASP A 51 -4.84 4.11 -0.90
CA ASP A 51 -4.56 5.28 -1.71
C ASP A 51 -3.10 5.32 -2.07
N LEU A 52 -2.26 5.16 -1.07
CA LEU A 52 -0.84 5.22 -1.29
C LEU A 52 -0.29 3.99 -1.91
N VAL A 53 -0.56 2.84 -1.31
CA VAL A 53 0.02 1.59 -1.79
C VAL A 53 -0.39 1.35 -3.23
N LYS A 54 -1.60 1.74 -3.56
CA LYS A 54 -2.07 1.60 -4.90
C LYS A 54 -1.49 2.56 -5.82
N VAL A 55 -1.43 3.82 -5.47
CA VAL A 55 -0.91 4.77 -6.42
C VAL A 55 0.55 4.44 -6.74
N ILE A 56 1.27 3.96 -5.77
CA ILE A 56 2.66 3.66 -6.02
C ILE A 56 2.79 2.35 -6.80
N GLU A 57 2.12 1.32 -6.35
CA GLU A 57 2.22 0.01 -6.96
C GLU A 57 1.60 -0.03 -8.34
N LEU A 58 0.50 0.67 -8.49
CA LEU A 58 -0.23 0.68 -9.71
C LEU A 58 0.45 1.58 -10.71
N VAL A 59 0.93 2.71 -10.25
CA VAL A 59 1.51 3.64 -11.17
C VAL A 59 2.98 3.31 -11.49
N ASP A 60 3.74 2.79 -10.53
CA ASP A 60 5.17 2.44 -10.77
C ASP A 60 5.20 1.19 -11.60
N LYS A 61 4.13 0.45 -11.50
CA LYS A 61 3.87 -0.78 -12.19
C LYS A 61 4.89 -1.85 -11.85
N GLU A 62 5.05 -2.16 -10.58
CA GLU A 62 5.91 -3.27 -10.24
C GLU A 62 5.12 -4.54 -10.51
N ASP A 63 5.41 -5.19 -11.59
CA ASP A 63 4.63 -6.35 -12.00
C ASP A 63 5.34 -7.65 -11.63
N GLY A 1 -14.01 11.39 6.42
CA GLY A 1 -13.82 11.07 5.03
C GLY A 1 -14.55 9.79 4.66
N SER A 2 -15.66 9.92 3.98
CA SER A 2 -16.44 8.77 3.63
C SER A 2 -15.93 8.08 2.36
N HIS A 3 -14.91 7.29 2.54
CA HIS A 3 -14.34 6.46 1.50
C HIS A 3 -14.15 5.09 2.05
N MET A 4 -14.33 4.11 1.23
CA MET A 4 -14.15 2.74 1.65
C MET A 4 -12.67 2.39 1.66
N ALA A 5 -12.12 2.31 2.83
CA ALA A 5 -10.76 1.94 3.00
C ALA A 5 -10.64 0.45 2.96
N SER A 6 -9.74 -0.03 2.18
CA SER A 6 -9.54 -1.45 1.93
C SER A 6 -9.38 -2.28 3.23
N THR A 7 -8.49 -1.84 4.10
CA THR A 7 -8.21 -2.55 5.34
C THR A 7 -9.12 -2.04 6.49
N GLY A 8 -10.01 -1.10 6.17
CA GLY A 8 -10.89 -0.53 7.19
C GLY A 8 -10.09 0.29 8.18
N GLU A 9 -9.34 1.22 7.66
CA GLU A 9 -8.43 2.02 8.44
C GLU A 9 -8.48 3.45 7.92
N ASN A 10 -7.93 4.39 8.65
CA ASN A 10 -7.85 5.77 8.17
C ASN A 10 -6.48 5.93 7.54
N VAL A 11 -5.46 5.80 8.36
CA VAL A 11 -4.08 5.86 7.90
C VAL A 11 -3.27 4.81 8.64
N ILE A 12 -2.44 4.12 7.92
CA ILE A 12 -1.58 3.15 8.54
C ILE A 12 -0.16 3.44 8.30
N SER A 13 0.66 3.03 9.21
CA SER A 13 2.08 3.21 9.12
C SER A 13 2.66 2.35 7.99
N VAL A 14 3.81 2.77 7.45
CA VAL A 14 4.41 2.13 6.27
C VAL A 14 4.51 0.60 6.34
N ALA A 15 5.10 0.04 7.36
CA ALA A 15 5.28 -1.43 7.40
C ALA A 15 3.94 -2.14 7.57
N GLU A 16 3.12 -1.53 8.40
CA GLU A 16 1.80 -1.98 8.71
C GLU A 16 1.01 -2.10 7.42
N LEU A 17 1.06 -1.06 6.62
CA LEU A 17 0.36 -1.04 5.38
C LEU A 17 1.00 -1.95 4.33
N ILE A 18 2.34 -2.13 4.36
CA ILE A 18 3.01 -3.09 3.45
C ILE A 18 2.40 -4.47 3.59
N ASN A 19 2.30 -4.95 4.83
CA ASN A 19 1.79 -6.30 5.04
C ASN A 19 0.29 -6.35 4.87
N ALA A 20 -0.36 -5.26 5.24
CA ALA A 20 -1.79 -5.16 5.05
C ALA A 20 -2.11 -5.23 3.56
N MET A 21 -1.35 -4.50 2.75
CA MET A 21 -1.52 -4.47 1.30
C MET A 21 -1.24 -5.82 0.72
N LYS A 22 -0.22 -6.47 1.24
CA LYS A 22 0.14 -7.81 0.85
C LYS A 22 -1.00 -8.78 1.07
N GLN A 23 -1.74 -8.55 2.11
CA GLN A 23 -2.90 -9.37 2.41
C GLN A 23 -4.20 -8.81 1.79
N VAL A 24 -4.11 -7.64 1.19
CA VAL A 24 -5.28 -6.97 0.60
C VAL A 24 -5.30 -7.09 -0.93
N LYS A 25 -4.23 -6.71 -1.56
CA LYS A 25 -4.17 -6.64 -2.99
C LYS A 25 -3.23 -7.77 -3.48
N HIS A 26 -3.41 -8.20 -4.72
CA HIS A 26 -2.65 -9.32 -5.26
C HIS A 26 -1.14 -9.06 -5.32
N ILE A 27 -0.36 -10.03 -4.89
CA ILE A 27 1.09 -9.93 -4.85
C ILE A 27 1.75 -11.08 -5.64
N PRO A 28 2.30 -10.78 -6.84
CA PRO A 28 3.09 -11.75 -7.60
C PRO A 28 4.47 -11.91 -6.94
N GLU A 29 5.13 -10.79 -6.78
CA GLU A 29 6.36 -10.63 -6.08
C GLU A 29 6.24 -9.35 -5.30
N SER A 30 7.28 -8.92 -4.67
CA SER A 30 7.18 -7.79 -3.80
C SER A 30 7.03 -6.44 -4.52
N LYS A 31 5.79 -6.06 -4.71
CA LYS A 31 5.36 -4.73 -5.15
C LYS A 31 5.57 -3.75 -4.00
N LEU A 32 5.52 -4.36 -2.83
CA LEU A 32 5.78 -3.76 -1.53
C LEU A 32 7.02 -2.91 -1.55
N THR A 33 8.00 -3.28 -2.35
CA THR A 33 9.25 -2.57 -2.42
C THR A 33 9.04 -1.10 -2.85
N SER A 34 8.30 -0.93 -3.92
CA SER A 34 7.97 0.36 -4.46
C SER A 34 7.04 1.09 -3.55
N LEU A 35 5.98 0.40 -3.13
CA LEU A 35 4.96 1.00 -2.28
C LEU A 35 5.63 1.50 -0.98
N ALA A 36 6.54 0.70 -0.47
CA ALA A 36 7.23 0.99 0.77
C ALA A 36 8.10 2.22 0.63
N ALA A 37 8.88 2.26 -0.46
CA ALA A 37 9.77 3.37 -0.74
C ALA A 37 9.02 4.70 -0.76
N ALA A 38 7.93 4.74 -1.51
CA ALA A 38 7.16 5.96 -1.58
C ALA A 38 6.48 6.28 -0.25
N LEU A 39 6.11 5.26 0.50
CA LEU A 39 5.51 5.48 1.81
C LEU A 39 6.55 6.03 2.79
N ALA A 40 7.80 5.63 2.61
CA ALA A 40 8.87 6.15 3.42
C ALA A 40 9.08 7.63 3.13
N GLU A 41 8.99 8.00 1.85
CA GLU A 41 9.12 9.42 1.47
C GLU A 41 7.80 10.22 1.63
N ALA A 42 6.69 9.51 1.93
CA ALA A 42 5.37 10.12 2.22
C ALA A 42 5.42 11.23 3.27
N LYS A 43 4.31 11.97 3.38
CA LYS A 43 4.21 13.15 4.24
C LYS A 43 4.40 12.79 5.71
N ASP A 44 3.76 11.71 6.14
CA ASP A 44 3.89 11.29 7.53
C ASP A 44 4.69 10.02 7.64
N GLY A 45 4.61 9.22 6.60
CA GLY A 45 5.17 7.89 6.68
C GLY A 45 4.12 6.93 7.19
N LYS A 46 2.92 7.46 7.27
CA LYS A 46 1.73 6.78 7.65
C LYS A 46 0.63 7.41 6.82
N VAL A 47 -0.09 6.61 6.04
CA VAL A 47 -1.15 7.12 5.15
C VAL A 47 -2.15 6.01 4.97
N ASN A 48 -3.36 6.33 4.49
CA ASN A 48 -4.32 5.28 4.15
C ASN A 48 -3.67 4.35 3.19
N ILE A 49 -3.61 3.10 3.56
CA ILE A 49 -2.99 2.07 2.77
C ILE A 49 -3.40 2.09 1.30
N ASP A 50 -4.68 2.06 0.99
CA ASP A 50 -5.06 1.86 -0.39
C ASP A 50 -4.72 2.99 -1.28
N ASP A 51 -4.91 4.21 -0.82
CA ASP A 51 -4.59 5.36 -1.66
C ASP A 51 -3.13 5.37 -2.04
N LEU A 52 -2.28 5.20 -1.04
CA LEU A 52 -0.87 5.24 -1.28
C LEU A 52 -0.33 4.01 -1.91
N VAL A 53 -0.59 2.85 -1.32
CA VAL A 53 -0.01 1.62 -1.84
C VAL A 53 -0.45 1.41 -3.26
N LYS A 54 -1.69 1.78 -3.56
CA LYS A 54 -2.17 1.68 -4.89
C LYS A 54 -1.56 2.62 -5.82
N VAL A 55 -1.49 3.88 -5.50
CA VAL A 55 -0.91 4.79 -6.45
C VAL A 55 0.54 4.44 -6.76
N ILE A 56 1.26 3.96 -5.76
CA ILE A 56 2.64 3.66 -5.97
C ILE A 56 2.80 2.35 -6.74
N GLU A 57 2.11 1.33 -6.30
CA GLU A 57 2.22 0.02 -6.88
C GLU A 57 1.60 -0.04 -8.25
N LEU A 58 0.55 0.71 -8.44
CA LEU A 58 -0.15 0.72 -9.68
C LEU A 58 0.61 1.58 -10.69
N VAL A 59 1.12 2.70 -10.25
CA VAL A 59 1.78 3.60 -11.16
C VAL A 59 3.26 3.21 -11.42
N ASP A 60 3.97 2.73 -10.39
CA ASP A 60 5.42 2.36 -10.54
C ASP A 60 5.52 1.09 -11.32
N LYS A 61 4.43 0.36 -11.28
CA LYS A 61 4.23 -0.86 -12.00
C LYS A 61 5.22 -1.96 -11.61
N GLU A 62 5.53 -2.05 -10.34
CA GLU A 62 6.37 -3.14 -9.87
C GLU A 62 5.57 -4.42 -10.04
N ASP A 63 6.19 -5.45 -10.55
CA ASP A 63 5.47 -6.69 -10.83
C ASP A 63 6.38 -7.89 -10.65
#